data_7QNU
#
_entry.id   7QNU
#
_cell.length_a   59.931
_cell.length_b   65.886
_cell.length_c   105.085
_cell.angle_alpha   90.000
_cell.angle_beta   90.000
_cell.angle_gamma   90.000
#
_symmetry.space_group_name_H-M   'P 21 21 21'
#
loop_
_entity.id
_entity.type
_entity.pdbx_description
1 polymer 'Histone-lysine N-methyltransferase SMYD3'
2 non-polymer S-ADENOSYLMETHIONINE
3 non-polymer 'ZINC ION'
4 non-polymer 'BENZOYL-FORMIC ACID'
5 water water
#
_entity_poly.entity_id   1
_entity_poly.type   'polypeptide(L)'
_entity_poly.pdbx_seq_one_letter_code
;GSHMEPLKVEKFATANRGNGLRAVTPLRPGELLFRSDPLAYTVCKGSRGVVCDRCLLGKEKLMRCSQCRVAKYCSAKCQK
KAWPDHKRECKCLKSCKPRYPPDSVRLLGRVVFKLMDGAPSESEKLYSFYDLESNINKLTEDRKEGLRQLVMTFQHFMRE
EIQDASQLPPAFDLFEAFAKVICNSFTICNAEMQEVGVGLYPSISLLNHSCDPNCSIVFNGPHLLLRAVRDIEVGEELTI
CYLDMLMTSEERRKQLRDQYCFECDCFRCQTQDKDADMLTGDEQVWKEVQESLKKIEELKAHWKWEQVLAMCQAIISSNS
ERLPDINIYQLKVLDCAMDACINLGLLEEALFYGTRTMEPYRIFFPGSHPVRGVQVMKVGKLQLHQGMFPQAMKNLRLAF
DIMRVTHGREHSLIEDLILLLEECDANIRAS
;
_entity_poly.pdbx_strand_id   A
#
# COMPACT_ATOMS: atom_id res chain seq x y z
N PRO A 6 22.70 -16.84 7.71
CA PRO A 6 21.56 -16.31 8.47
C PRO A 6 20.95 -15.06 7.85
N LEU A 7 20.12 -14.37 8.63
CA LEU A 7 19.54 -13.10 8.22
C LEU A 7 20.32 -11.93 8.82
N LYS A 8 19.87 -10.73 8.48
CA LYS A 8 20.47 -9.47 8.91
C LYS A 8 19.65 -8.82 10.03
N VAL A 9 18.51 -9.43 10.37
CA VAL A 9 17.55 -8.88 11.30
C VAL A 9 17.15 -10.01 12.25
N GLU A 10 16.54 -9.62 13.35
CA GLU A 10 16.12 -10.60 14.35
C GLU A 10 14.95 -10.02 15.13
N LYS A 11 14.06 -10.90 15.55
CA LYS A 11 13.01 -10.52 16.47
C LYS A 11 13.62 -10.23 17.83
N PHE A 12 13.02 -9.28 18.53
CA PHE A 12 13.42 -8.99 19.89
C PHE A 12 12.25 -8.33 20.62
N ALA A 13 12.32 -8.37 21.95
CA ALA A 13 11.28 -7.77 22.78
C ALA A 13 11.72 -6.34 23.08
N THR A 14 10.96 -5.37 22.59
CA THR A 14 11.27 -3.97 22.81
C THR A 14 10.90 -3.58 24.25
N ALA A 15 11.26 -2.35 24.61
CA ALA A 15 11.01 -1.91 25.98
C ALA A 15 9.55 -1.52 26.18
N ASN A 16 8.92 -0.92 25.17
CA ASN A 16 7.55 -0.44 25.36
C ASN A 16 6.68 -0.50 24.11
N ARG A 17 7.04 -1.31 23.13
CA ARG A 17 6.20 -1.50 21.95
CA ARG A 17 6.18 -1.50 21.96
C ARG A 17 6.15 -2.96 21.55
N GLY A 18 6.06 -3.85 22.54
CA GLY A 18 5.96 -5.27 22.26
C GLY A 18 7.17 -5.80 21.53
N ASN A 19 6.93 -6.73 20.62
CA ASN A 19 8.02 -7.30 19.85
C ASN A 19 8.37 -6.39 18.69
N GLY A 20 9.60 -6.53 18.22
CA GLY A 20 10.06 -5.74 17.10
C GLY A 20 11.16 -6.45 16.35
N LEU A 21 11.73 -5.74 15.37
CA LEU A 21 12.81 -6.25 14.54
C LEU A 21 13.98 -5.31 14.69
N ARG A 22 15.17 -5.85 14.90
CA ARG A 22 16.39 -5.07 15.01
C ARG A 22 17.48 -5.63 14.12
N ALA A 23 18.40 -4.75 13.71
CA ALA A 23 19.52 -5.18 12.90
C ALA A 23 20.50 -5.99 13.74
N VAL A 24 20.97 -7.12 13.18
CA VAL A 24 22.02 -7.90 13.84
C VAL A 24 23.39 -7.38 13.47
N THR A 25 23.47 -6.55 12.44
CA THR A 25 24.72 -6.01 11.91
C THR A 25 24.36 -4.70 11.24
N PRO A 26 25.29 -3.76 11.12
CA PRO A 26 24.98 -2.48 10.46
C PRO A 26 24.40 -2.70 9.09
N LEU A 27 23.32 -2.00 8.79
CA LEU A 27 22.65 -2.04 7.51
C LEU A 27 22.86 -0.70 6.82
N ARG A 28 22.61 -0.69 5.53
CA ARG A 28 23.16 0.33 4.69
C ARG A 28 22.08 0.62 3.67
N PRO A 29 21.89 1.88 3.28
CA PRO A 29 20.72 2.20 2.45
C PRO A 29 20.63 1.30 1.23
N GLY A 30 19.43 0.77 0.98
CA GLY A 30 19.20 -0.12 -0.13
C GLY A 30 19.36 -1.60 0.18
N GLU A 31 19.94 -1.95 1.33
CA GLU A 31 20.14 -3.35 1.66
C GLU A 31 18.81 -4.08 1.74
N LEU A 32 18.70 -5.18 1.02
CA LEU A 32 17.53 -6.05 1.12
C LEU A 32 17.58 -6.82 2.43
N LEU A 33 16.51 -6.70 3.23
CA LEU A 33 16.51 -7.24 4.59
C LEU A 33 15.63 -8.47 4.73
N PHE A 34 14.58 -8.55 3.92
CA PHE A 34 13.63 -9.64 3.98
C PHE A 34 12.75 -9.51 2.76
N ARG A 35 12.27 -10.64 2.28
CA ARG A 35 11.30 -10.66 1.19
C ARG A 35 10.33 -11.78 1.49
N SER A 36 9.05 -11.53 1.20
CA SER A 36 8.00 -12.43 1.64
C SER A 36 6.86 -12.42 0.63
N ASP A 37 6.35 -13.60 0.33
CA ASP A 37 5.00 -13.72 -0.21
C ASP A 37 4.01 -13.61 0.95
N PRO A 38 2.74 -13.33 0.67
CA PRO A 38 1.77 -13.23 1.77
C PRO A 38 1.42 -14.59 2.34
N LEU A 39 1.16 -14.61 3.65
CA LEU A 39 0.41 -15.73 4.22
C LEU A 39 -0.93 -15.84 3.53
N ALA A 40 -1.60 -14.71 3.34
CA ALA A 40 -2.88 -14.64 2.66
C ALA A 40 -2.99 -13.21 2.15
N TYR A 41 -3.64 -13.07 1.00
CA TYR A 41 -3.91 -11.76 0.45
C TYR A 41 -5.15 -11.84 -0.43
N THR A 42 -5.77 -10.68 -0.65
CA THR A 42 -6.88 -10.62 -1.59
C THR A 42 -6.88 -9.26 -2.28
N VAL A 43 -7.52 -9.21 -3.44
CA VAL A 43 -7.71 -7.93 -4.12
CA VAL A 43 -7.74 -7.94 -4.12
C VAL A 43 -8.60 -7.05 -3.24
N CYS A 44 -8.34 -5.74 -3.29
CA CYS A 44 -9.12 -4.77 -2.55
CA CYS A 44 -9.15 -4.84 -2.51
C CYS A 44 -10.48 -4.58 -3.21
N LYS A 45 -11.44 -4.13 -2.43
CA LYS A 45 -12.82 -4.06 -2.90
C LYS A 45 -12.93 -3.28 -4.21
N GLY A 46 -12.30 -2.11 -4.28
CA GLY A 46 -12.45 -1.27 -5.45
C GLY A 46 -11.73 -1.79 -6.68
N SER A 47 -10.71 -2.61 -6.49
CA SER A 47 -9.95 -3.15 -7.62
C SER A 47 -10.46 -4.52 -8.06
N ARG A 48 -11.40 -5.09 -7.32
CA ARG A 48 -11.99 -6.36 -7.72
C ARG A 48 -12.66 -6.21 -9.08
N GLY A 49 -12.43 -7.18 -9.94
CA GLY A 49 -12.91 -7.11 -11.30
C GLY A 49 -12.10 -6.21 -12.21
N VAL A 50 -11.17 -5.43 -11.66
CA VAL A 50 -10.33 -4.54 -12.45
C VAL A 50 -8.93 -5.11 -12.62
N VAL A 51 -8.39 -5.75 -11.58
CA VAL A 51 -7.07 -6.36 -11.64
C VAL A 51 -7.24 -7.87 -11.44
N CYS A 52 -6.24 -8.62 -11.91
CA CYS A 52 -6.20 -10.07 -11.75
C CYS A 52 -6.08 -10.41 -10.27
N ASP A 53 -6.88 -11.37 -9.83
CA ASP A 53 -6.88 -11.77 -8.43
C ASP A 53 -5.52 -12.26 -7.99
N ARG A 54 -4.73 -12.84 -8.88
CA ARG A 54 -3.45 -13.41 -8.45
C ARG A 54 -2.33 -12.37 -8.54
N CYS A 55 -2.03 -11.88 -9.76
CA CYS A 55 -0.89 -10.99 -9.93
C CYS A 55 -1.20 -9.52 -9.64
N LEU A 56 -2.47 -9.17 -9.48
CA LEU A 56 -2.90 -7.82 -9.14
C LEU A 56 -2.51 -6.79 -10.21
N LEU A 57 -2.34 -7.24 -11.45
CA LEU A 57 -2.11 -6.35 -12.57
C LEU A 57 -3.44 -6.03 -13.24
N GLY A 58 -3.59 -4.77 -13.61
CA GLY A 58 -4.79 -4.32 -14.30
C GLY A 58 -4.72 -4.61 -15.79
N LYS A 59 -5.40 -5.66 -16.22
CA LYS A 59 -5.46 -6.04 -17.62
C LYS A 59 -6.74 -5.50 -18.24
N GLU A 60 -6.69 -5.25 -19.54
CA GLU A 60 -7.88 -4.86 -20.28
C GLU A 60 -8.78 -6.07 -20.58
N LYS A 61 -8.27 -7.29 -20.43
CA LYS A 61 -9.06 -8.51 -20.58
C LYS A 61 -8.81 -9.39 -19.36
N LEU A 62 -9.85 -9.58 -18.55
CA LEU A 62 -9.86 -10.49 -17.41
C LEU A 62 -10.96 -11.53 -17.60
N MET A 63 -10.72 -12.74 -17.08
CA MET A 63 -11.67 -13.84 -17.18
C MET A 63 -12.11 -14.23 -15.77
N ARG A 64 -13.41 -14.25 -15.54
CA ARG A 64 -13.88 -14.56 -14.20
C ARG A 64 -13.96 -16.06 -13.98
N CYS A 65 -13.71 -16.47 -12.74
CA CYS A 65 -13.84 -17.86 -12.35
C CYS A 65 -15.22 -18.37 -12.70
N SER A 66 -15.25 -19.54 -13.36
CA SER A 66 -16.52 -20.07 -13.85
C SER A 66 -17.50 -20.28 -12.70
N GLN A 67 -16.99 -20.72 -11.54
CA GLN A 67 -17.89 -21.18 -10.49
C GLN A 67 -18.48 -20.00 -9.71
N CYS A 68 -17.62 -19.16 -9.15
CA CYS A 68 -18.09 -18.05 -8.33
C CYS A 68 -18.36 -16.79 -9.12
N ARG A 69 -17.68 -16.62 -10.26
CA ARG A 69 -17.73 -15.40 -11.07
C ARG A 69 -17.32 -14.15 -10.27
N VAL A 70 -16.68 -14.32 -9.13
CA VAL A 70 -16.16 -13.21 -8.35
C VAL A 70 -14.69 -13.00 -8.60
N ALA A 71 -13.89 -14.06 -8.50
CA ALA A 71 -12.47 -13.96 -8.83
C ALA A 71 -12.32 -13.80 -10.33
N LYS A 72 -11.39 -12.92 -10.73
CA LYS A 72 -11.08 -12.70 -12.14
C LYS A 72 -9.57 -12.85 -12.35
N TYR A 73 -9.19 -13.37 -13.51
CA TYR A 73 -7.80 -13.66 -13.76
C TYR A 73 -7.37 -13.20 -15.15
N CYS A 74 -6.11 -12.78 -15.25
CA CYS A 74 -5.55 -12.34 -16.52
C CYS A 74 -5.19 -13.50 -17.45
N SER A 75 -5.16 -14.73 -16.94
CA SER A 75 -4.56 -15.81 -17.71
C SER A 75 -4.88 -17.15 -17.05
N ALA A 76 -4.73 -18.20 -17.83
CA ALA A 76 -4.80 -19.54 -17.27
C ALA A 76 -3.71 -19.74 -16.23
N LYS A 77 -2.52 -19.22 -16.50
CA LYS A 77 -1.43 -19.34 -15.53
C LYS A 77 -1.83 -18.79 -14.18
N CYS A 78 -2.47 -17.61 -14.16
CA CYS A 78 -2.81 -16.98 -12.89
C CYS A 78 -3.93 -17.72 -12.17
N GLN A 79 -4.93 -18.21 -12.88
CA GLN A 79 -5.99 -18.91 -12.13
C GLN A 79 -5.51 -20.26 -11.61
N LYS A 80 -4.56 -20.90 -12.29
CA LYS A 80 -4.02 -22.15 -11.77
C LYS A 80 -3.15 -21.91 -10.54
N LYS A 81 -2.21 -20.96 -10.63
CA LYS A 81 -1.33 -20.66 -9.50
C LYS A 81 -2.14 -20.14 -8.32
N ALA A 82 -3.34 -19.60 -8.59
CA ALA A 82 -4.21 -19.08 -7.55
C ALA A 82 -5.23 -20.08 -7.04
N TRP A 83 -5.42 -21.20 -7.73
CA TRP A 83 -6.48 -22.13 -7.34
C TRP A 83 -6.30 -22.68 -5.94
N PRO A 84 -5.09 -23.01 -5.47
CA PRO A 84 -4.97 -23.45 -4.07
C PRO A 84 -5.55 -22.46 -3.08
N ASP A 85 -5.23 -21.16 -3.25
CA ASP A 85 -5.75 -20.15 -2.33
C ASP A 85 -7.23 -19.85 -2.54
N HIS A 86 -7.76 -20.15 -3.73
CA HIS A 86 -9.12 -19.74 -4.08
C HIS A 86 -10.14 -20.86 -3.96
N LYS A 87 -9.71 -22.13 -4.04
CA LYS A 87 -10.66 -23.23 -4.26
C LYS A 87 -11.76 -23.25 -3.19
N ARG A 88 -11.40 -22.97 -1.93
CA ARG A 88 -12.43 -23.07 -0.88
C ARG A 88 -13.26 -21.80 -0.74
N GLU A 89 -12.64 -20.62 -0.88
CA GLU A 89 -13.45 -19.41 -0.82
C GLU A 89 -14.43 -19.35 -1.98
N CYS A 90 -14.04 -19.93 -3.12
CA CYS A 90 -14.89 -19.92 -4.32
C CYS A 90 -16.29 -20.40 -4.00
N LYS A 91 -16.39 -21.53 -3.29
CA LYS A 91 -17.69 -22.04 -2.91
C LYS A 91 -18.43 -21.05 -2.02
N CYS A 92 -17.69 -20.38 -1.13
CA CYS A 92 -18.30 -19.41 -0.22
C CYS A 92 -18.80 -18.19 -0.99
N LEU A 93 -17.93 -17.58 -1.79
CA LEU A 93 -18.33 -16.44 -2.62
C LEU A 93 -19.54 -16.79 -3.45
N LYS A 94 -19.57 -18.02 -4.00
CA LYS A 94 -20.71 -18.49 -4.76
C LYS A 94 -21.99 -18.48 -3.92
N SER A 95 -21.97 -19.20 -2.80
CA SER A 95 -23.17 -19.40 -2.01
C SER A 95 -23.73 -18.09 -1.47
N CYS A 96 -22.94 -17.03 -1.48
CA CYS A 96 -23.41 -15.70 -1.08
C CYS A 96 -23.57 -14.76 -2.26
N LYS A 97 -23.69 -15.31 -3.48
CA LYS A 97 -23.48 -14.58 -4.72
C LYS A 97 -23.77 -13.09 -4.60
N PRO A 98 -25.02 -12.68 -4.32
CA PRO A 98 -25.31 -11.24 -4.40
C PRO A 98 -24.41 -10.43 -3.49
N ARG A 99 -24.23 -10.89 -2.26
CA ARG A 99 -23.36 -10.20 -1.32
C ARG A 99 -21.90 -10.49 -1.61
N TYR A 100 -21.04 -9.50 -1.35
CA TYR A 100 -19.61 -9.65 -1.35
C TYR A 100 -19.10 -9.25 0.03
N PRO A 101 -18.23 -10.03 0.65
CA PRO A 101 -17.86 -9.75 2.03
C PRO A 101 -16.86 -8.61 2.11
N PRO A 102 -16.69 -8.00 3.28
CA PRO A 102 -15.61 -7.03 3.46
C PRO A 102 -14.26 -7.66 3.15
N ASP A 103 -13.32 -6.84 2.69
CA ASP A 103 -11.98 -7.31 2.41
C ASP A 103 -11.40 -8.08 3.59
N SER A 104 -11.58 -7.57 4.81
CA SER A 104 -11.02 -8.23 5.97
C SER A 104 -11.57 -9.64 6.11
N VAL A 105 -12.84 -9.84 5.77
CA VAL A 105 -13.46 -11.16 5.92
C VAL A 105 -12.92 -12.11 4.88
N ARG A 106 -12.89 -11.67 3.62
CA ARG A 106 -12.28 -12.47 2.57
C ARG A 106 -10.83 -12.80 2.90
N LEU A 107 -10.08 -11.81 3.39
CA LEU A 107 -8.70 -12.05 3.80
C LEU A 107 -8.61 -13.11 4.90
N LEU A 108 -9.42 -12.98 5.96
CA LEU A 108 -9.32 -13.96 7.04
C LEU A 108 -9.72 -15.34 6.58
N GLY A 109 -10.67 -15.43 5.64
CA GLY A 109 -11.00 -16.72 5.07
C GLY A 109 -9.81 -17.40 4.45
N ARG A 110 -9.01 -16.64 3.70
CA ARG A 110 -7.80 -17.17 3.10
C ARG A 110 -6.76 -17.52 4.13
N VAL A 111 -6.69 -16.76 5.24
CA VAL A 111 -5.83 -17.15 6.35
C VAL A 111 -6.22 -18.52 6.88
N VAL A 112 -7.52 -18.69 7.17
CA VAL A 112 -7.99 -19.92 7.76
C VAL A 112 -7.70 -21.11 6.84
N PHE A 113 -8.06 -20.97 5.56
CA PHE A 113 -7.80 -22.05 4.62
C PHE A 113 -6.30 -22.33 4.50
N LYS A 114 -5.48 -21.29 4.45
CA LYS A 114 -4.03 -21.45 4.37
C LYS A 114 -3.52 -22.22 5.58
N LEU A 115 -4.00 -21.88 6.78
CA LEU A 115 -3.53 -22.53 7.98
C LEU A 115 -4.08 -23.93 8.12
N MET A 116 -5.30 -24.20 7.64
CA MET A 116 -5.87 -25.52 7.74
C MET A 116 -5.33 -26.46 6.68
N ASP A 117 -5.18 -25.98 5.44
CA ASP A 117 -4.92 -26.86 4.30
C ASP A 117 -3.54 -26.70 3.68
N GLY A 118 -2.81 -25.68 4.07
CA GLY A 118 -1.54 -25.36 3.44
C GLY A 118 -0.36 -25.76 4.28
N ALA A 119 0.73 -26.11 3.61
CA ALA A 119 1.99 -26.35 4.29
C ALA A 119 2.41 -25.11 5.06
N PRO A 120 3.28 -25.26 6.05
CA PRO A 120 3.75 -24.09 6.80
C PRO A 120 4.28 -23.02 5.85
N SER A 121 3.82 -21.80 6.06
CA SER A 121 4.12 -20.69 5.16
C SER A 121 5.45 -20.04 5.54
N GLU A 122 6.32 -19.85 4.55
CA GLU A 122 7.57 -19.14 4.76
C GLU A 122 7.31 -17.72 5.25
N SER A 123 6.15 -17.14 4.94
CA SER A 123 5.82 -15.82 5.45
C SER A 123 5.82 -15.77 6.97
N GLU A 124 5.73 -16.92 7.64
CA GLU A 124 5.73 -16.97 9.10
C GLU A 124 7.08 -17.37 9.67
N LYS A 125 8.16 -17.19 8.91
CA LYS A 125 9.47 -17.66 9.37
C LYS A 125 9.86 -17.03 10.69
N LEU A 126 9.67 -15.71 10.82
CA LEU A 126 10.09 -14.99 12.01
C LEU A 126 8.99 -14.83 13.04
N TYR A 127 7.73 -14.97 12.64
CA TYR A 127 6.61 -14.49 13.46
C TYR A 127 5.35 -14.96 12.75
N SER A 128 4.44 -15.61 13.46
CA SER A 128 3.29 -16.26 12.83
C SER A 128 2.01 -15.49 13.10
N PHE A 129 0.97 -15.83 12.33
CA PHE A 129 -0.34 -15.24 12.58
C PHE A 129 -0.77 -15.44 14.03
N TYR A 130 -0.43 -16.61 14.60
CA TYR A 130 -0.73 -16.88 16.00
C TYR A 130 -0.01 -15.89 16.91
N ASP A 131 1.15 -15.37 16.48
CA ASP A 131 1.95 -14.49 17.31
C ASP A 131 1.50 -13.04 17.25
N LEU A 132 0.72 -12.65 16.25
CA LEU A 132 0.50 -11.25 15.94
C LEU A 132 -0.21 -10.53 17.07
N GLU A 133 0.16 -9.27 17.25
CA GLU A 133 -0.47 -8.40 18.23
C GLU A 133 -1.95 -8.22 17.91
N SER A 134 -2.79 -8.31 18.94
CA SER A 134 -4.22 -8.06 18.81
C SER A 134 -4.68 -6.76 19.43
N ASN A 135 -3.93 -6.24 20.41
CA ASN A 135 -4.30 -5.02 21.15
C ASN A 135 -5.69 -5.10 21.78
N ILE A 136 -6.19 -6.31 22.02
CA ILE A 136 -7.57 -6.42 22.47
C ILE A 136 -7.83 -5.65 23.76
N ASN A 137 -6.86 -5.57 24.66
CA ASN A 137 -7.12 -4.84 25.89
C ASN A 137 -7.08 -3.32 25.71
N LYS A 138 -6.73 -2.84 24.51
CA LYS A 138 -6.78 -1.42 24.20
C LYS A 138 -7.95 -1.04 23.32
N LEU A 139 -8.67 -2.01 22.78
CA LEU A 139 -9.78 -1.71 21.87
C LEU A 139 -10.92 -1.03 22.59
N THR A 140 -11.49 -0.02 21.96
CA THR A 140 -12.70 0.61 22.46
C THR A 140 -13.89 -0.33 22.30
N GLU A 141 -14.92 -0.14 23.11
CA GLU A 141 -16.13 -0.93 22.92
C GLU A 141 -16.69 -0.71 21.51
N ASP A 142 -16.51 0.49 20.94
CA ASP A 142 -16.91 0.75 19.57
C ASP A 142 -16.18 -0.19 18.61
N ARG A 143 -14.85 -0.29 18.76
CA ARG A 143 -14.10 -1.20 17.91
C ARG A 143 -14.54 -2.64 18.14
N LYS A 144 -14.67 -3.04 19.41
CA LYS A 144 -15.03 -4.41 19.73
C LYS A 144 -16.36 -4.78 19.11
N GLU A 145 -17.31 -3.83 19.06
CA GLU A 145 -18.59 -4.09 18.40
C GLU A 145 -18.38 -4.33 16.91
N GLY A 146 -17.53 -3.53 16.29
CA GLY A 146 -17.20 -3.75 14.90
C GLY A 146 -16.61 -5.13 14.66
N LEU A 147 -15.73 -5.58 15.56
CA LEU A 147 -15.12 -6.90 15.40
C LEU A 147 -16.17 -8.00 15.56
N ARG A 148 -17.11 -7.82 16.49
CA ARG A 148 -18.17 -8.80 16.67
C ARG A 148 -18.97 -8.96 15.39
N GLN A 149 -19.25 -7.85 14.71
CA GLN A 149 -19.97 -7.93 13.44
C GLN A 149 -19.14 -8.64 12.38
N LEU A 150 -17.83 -8.40 12.37
CA LEU A 150 -16.99 -9.10 11.40
C LEU A 150 -16.99 -10.59 11.67
N VAL A 151 -17.03 -10.98 12.95
CA VAL A 151 -17.09 -12.40 13.29
C VAL A 151 -18.33 -13.04 12.70
N MET A 152 -19.48 -12.43 12.89
CA MET A 152 -20.72 -12.97 12.35
C MET A 152 -20.75 -12.90 10.84
N THR A 153 -20.11 -11.89 10.24
CA THR A 153 -20.00 -11.86 8.79
C THR A 153 -19.14 -13.01 8.30
N PHE A 154 -18.01 -13.26 8.96
CA PHE A 154 -17.20 -14.42 8.61
C PHE A 154 -18.01 -15.70 8.71
N GLN A 155 -18.76 -15.87 9.80
CA GLN A 155 -19.52 -17.09 10.00
C GLN A 155 -20.54 -17.26 8.89
N HIS A 156 -21.20 -16.18 8.49
CA HIS A 156 -22.13 -16.27 7.36
C HIS A 156 -21.38 -16.62 6.07
N PHE A 157 -20.37 -15.83 5.72
CA PHE A 157 -19.70 -16.01 4.42
C PHE A 157 -19.08 -17.40 4.29
N MET A 158 -18.59 -17.97 5.39
CA MET A 158 -17.82 -19.21 5.33
C MET A 158 -18.64 -20.44 5.71
N ARG A 159 -19.95 -20.26 5.93
CA ARG A 159 -20.81 -21.35 6.40
C ARG A 159 -20.87 -22.54 5.45
N GLU A 160 -20.49 -22.38 4.19
CA GLU A 160 -20.46 -23.54 3.30
C GLU A 160 -19.21 -24.40 3.50
N GLU A 161 -18.12 -23.79 3.97
CA GLU A 161 -16.85 -24.50 4.17
C GLU A 161 -16.49 -24.71 5.62
N ILE A 162 -16.92 -23.82 6.51
CA ILE A 162 -16.58 -23.92 7.94
C ILE A 162 -17.87 -23.78 8.72
N GLN A 163 -18.30 -24.86 9.37
CA GLN A 163 -19.50 -24.86 10.17
C GLN A 163 -19.23 -24.89 11.66
N ASP A 164 -18.00 -25.16 12.09
CA ASP A 164 -17.70 -25.24 13.51
C ASP A 164 -16.19 -25.26 13.71
N ALA A 165 -15.77 -25.39 14.97
CA ALA A 165 -14.38 -25.13 15.32
C ALA A 165 -13.44 -26.20 14.78
N SER A 166 -13.91 -27.44 14.62
CA SER A 166 -13.03 -28.47 14.11
C SER A 166 -12.50 -28.11 12.73
N GLN A 167 -13.16 -27.17 12.03
CA GLN A 167 -12.73 -26.68 10.74
C GLN A 167 -11.97 -25.37 10.84
N LEU A 168 -11.59 -24.96 12.05
CA LEU A 168 -10.70 -23.84 12.30
C LEU A 168 -9.45 -24.37 12.98
N PRO A 169 -8.34 -23.63 12.90
CA PRO A 169 -7.12 -24.05 13.61
C PRO A 169 -7.39 -24.25 15.08
N PRO A 170 -6.53 -24.96 15.79
CA PRO A 170 -6.79 -25.24 17.21
C PRO A 170 -6.94 -23.96 18.02
N ALA A 171 -8.00 -23.90 18.81
CA ALA A 171 -8.28 -22.75 19.68
C ALA A 171 -8.22 -21.43 18.90
N PHE A 172 -8.55 -21.48 17.62
CA PHE A 172 -8.58 -20.29 16.78
C PHE A 172 -9.79 -19.45 17.14
N ASP A 173 -9.56 -18.21 17.55
CA ASP A 173 -10.62 -17.31 17.96
C ASP A 173 -10.83 -16.26 16.88
N LEU A 174 -12.04 -16.22 16.31
CA LEU A 174 -12.31 -15.31 15.20
C LEU A 174 -12.25 -13.86 15.62
N PHE A 175 -12.75 -13.55 16.82
CA PHE A 175 -12.66 -12.18 17.33
C PHE A 175 -11.21 -11.72 17.39
N GLU A 176 -10.36 -12.49 18.07
CA GLU A 176 -8.95 -12.14 18.13
C GLU A 176 -8.33 -12.10 16.74
N ALA A 177 -8.74 -13.02 15.86
CA ALA A 177 -8.18 -13.06 14.52
C ALA A 177 -8.46 -11.76 13.78
N PHE A 178 -9.69 -11.26 13.87
CA PHE A 178 -9.99 -9.98 13.25
C PHE A 178 -9.27 -8.83 13.94
N ALA A 179 -9.08 -8.90 15.26
CA ALA A 179 -8.31 -7.85 15.93
C ALA A 179 -6.90 -7.81 15.39
N LYS A 180 -6.29 -8.98 15.16
CA LYS A 180 -4.96 -9.02 14.54
C LYS A 180 -5.00 -8.41 13.14
N VAL A 181 -6.06 -8.68 12.38
CA VAL A 181 -6.11 -8.16 11.01
C VAL A 181 -6.12 -6.64 11.00
N ILE A 182 -6.78 -6.03 11.99
CA ILE A 182 -6.91 -4.57 12.00
C ILE A 182 -5.54 -3.91 12.07
N CYS A 183 -4.62 -4.42 12.90
CA CYS A 183 -3.37 -3.74 13.13
C CYS A 183 -2.17 -4.43 12.50
N ASN A 184 -2.40 -5.44 11.65
CA ASN A 184 -1.31 -6.12 10.94
C ASN A 184 -1.62 -6.31 9.45
N SER A 185 -2.58 -5.59 8.90
CA SER A 185 -2.89 -5.69 7.48
C SER A 185 -1.93 -4.81 6.70
N PHE A 186 -1.44 -5.34 5.58
CA PHE A 186 -0.56 -4.61 4.68
C PHE A 186 -1.34 -4.22 3.43
N THR A 187 -1.26 -2.95 3.05
CA THR A 187 -1.85 -2.47 1.81
C THR A 187 -0.90 -2.80 0.67
N ILE A 188 -1.32 -3.71 -0.20
CA ILE A 188 -0.53 -4.09 -1.37
C ILE A 188 -0.75 -3.07 -2.47
N CYS A 189 0.34 -2.48 -2.96
CA CYS A 189 0.29 -1.48 -4.00
C CYS A 189 0.86 -2.04 -5.30
N ASN A 190 0.32 -1.60 -6.42
CA ASN A 190 0.85 -2.01 -7.72
C ASN A 190 2.09 -1.19 -8.03
N ALA A 191 2.68 -1.43 -9.23
CA ALA A 191 3.92 -0.74 -9.58
C ALA A 191 3.74 0.76 -9.59
N GLU A 192 2.53 1.22 -9.93
CA GLU A 192 2.20 2.63 -9.97
C GLU A 192 1.81 3.20 -8.59
N MET A 193 1.95 2.39 -7.54
CA MET A 193 1.72 2.79 -6.16
C MET A 193 0.25 3.01 -5.85
N GLN A 194 -0.65 2.39 -6.61
CA GLN A 194 -2.09 2.43 -6.34
C GLN A 194 -2.42 1.23 -5.46
N GLU A 195 -3.34 1.44 -4.53
CA GLU A 195 -3.75 0.36 -3.63
C GLU A 195 -4.57 -0.63 -4.44
N VAL A 196 -4.15 -1.90 -4.45
CA VAL A 196 -4.88 -2.94 -5.19
C VAL A 196 -5.23 -4.14 -4.35
N GLY A 197 -4.63 -4.32 -3.18
CA GLY A 197 -4.93 -5.50 -2.40
C GLY A 197 -4.55 -5.32 -0.96
N VAL A 198 -4.87 -6.34 -0.16
CA VAL A 198 -4.56 -6.36 1.26
C VAL A 198 -4.00 -7.73 1.57
N GLY A 199 -2.96 -7.77 2.38
CA GLY A 199 -2.27 -9.01 2.66
C GLY A 199 -1.77 -9.05 4.08
N LEU A 200 -1.49 -10.25 4.55
CA LEU A 200 -0.85 -10.49 5.83
C LEU A 200 0.52 -11.08 5.57
N TYR A 201 1.53 -10.49 6.21
CA TYR A 201 2.93 -10.89 6.06
C TYR A 201 3.48 -10.96 7.48
N PRO A 202 3.18 -12.04 8.23
CA PRO A 202 3.39 -12.00 9.68
C PRO A 202 4.82 -11.69 10.09
N SER A 203 5.82 -12.18 9.36
CA SER A 203 7.20 -11.85 9.71
C SER A 203 7.43 -10.35 9.60
N ILE A 204 6.92 -9.74 8.53
CA ILE A 204 7.08 -8.31 8.35
C ILE A 204 6.30 -7.52 9.41
N SER A 205 5.23 -8.10 9.95
CA SER A 205 4.44 -7.45 10.99
C SER A 205 5.22 -7.25 12.28
N LEU A 206 6.43 -7.83 12.38
CA LEU A 206 7.28 -7.47 13.52
C LEU A 206 7.74 -6.03 13.48
N LEU A 207 7.71 -5.38 12.32
CA LEU A 207 8.20 -4.01 12.24
C LEU A 207 7.26 -3.04 12.92
N ASN A 208 7.78 -2.29 13.89
CA ASN A 208 7.04 -1.23 14.52
C ASN A 208 7.05 0.01 13.63
N HIS A 209 6.23 0.96 14.00
CA HIS A 209 6.00 2.14 13.19
C HIS A 209 6.88 3.29 13.64
N SER A 210 7.31 4.08 12.67
CA SER A 210 7.87 5.39 12.88
C SER A 210 7.40 6.32 11.78
N CYS A 211 7.14 7.57 12.12
CA CYS A 211 6.87 8.58 11.10
C CYS A 211 8.14 9.03 10.39
N ASP A 212 9.30 8.59 10.88
CA ASP A 212 10.61 8.84 10.25
C ASP A 212 11.34 7.50 10.22
N PRO A 213 10.90 6.57 9.38
CA PRO A 213 11.39 5.19 9.46
C PRO A 213 12.76 5.00 8.84
N ASN A 214 13.42 3.92 9.22
CA ASN A 214 14.71 3.57 8.65
C ASN A 214 14.65 2.45 7.61
N CYS A 215 13.48 1.86 7.43
CA CYS A 215 13.24 0.88 6.38
C CYS A 215 11.97 1.21 5.63
N SER A 216 11.80 0.53 4.50
CA SER A 216 10.64 0.73 3.66
C SER A 216 10.26 -0.60 3.02
N ILE A 217 8.99 -0.84 2.87
CA ILE A 217 8.49 -1.99 2.15
C ILE A 217 8.01 -1.52 0.78
N VAL A 218 8.15 -2.40 -0.20
CA VAL A 218 7.66 -2.14 -1.54
C VAL A 218 7.12 -3.46 -2.07
N PHE A 219 6.08 -3.38 -2.88
CA PHE A 219 5.41 -4.56 -3.42
C PHE A 219 5.71 -4.74 -4.89
N ASN A 220 6.01 -5.97 -5.28
CA ASN A 220 6.17 -6.40 -6.67
C ASN A 220 5.10 -7.48 -6.85
N GLY A 221 3.91 -7.07 -7.27
CA GLY A 221 2.76 -7.95 -7.17
C GLY A 221 2.44 -8.16 -5.72
N PRO A 222 2.01 -9.37 -5.34
CA PRO A 222 1.83 -9.68 -3.91
C PRO A 222 3.13 -9.87 -3.14
N HIS A 223 4.26 -9.94 -3.83
CA HIS A 223 5.55 -10.15 -3.19
C HIS A 223 6.08 -8.86 -2.56
N LEU A 224 6.57 -8.97 -1.33
CA LEU A 224 6.93 -7.81 -0.52
C LEU A 224 8.43 -7.80 -0.31
N LEU A 225 9.06 -6.65 -0.53
CA LEU A 225 10.49 -6.47 -0.32
C LEU A 225 10.69 -5.50 0.83
N LEU A 226 11.46 -5.91 1.84
CA LEU A 226 11.84 -5.05 2.96
C LEU A 226 13.26 -4.58 2.78
N ARG A 227 13.45 -3.25 2.69
CA ARG A 227 14.75 -2.66 2.43
C ARG A 227 15.07 -1.60 3.47
N ALA A 228 16.33 -1.49 3.84
CA ALA A 228 16.79 -0.33 4.60
C ALA A 228 16.79 0.88 3.69
N VAL A 229 16.33 2.01 4.20
CA VAL A 229 16.38 3.27 3.46
C VAL A 229 17.27 4.30 4.13
N ARG A 230 17.89 3.96 5.25
CA ARG A 230 18.85 4.82 5.92
C ARG A 230 19.97 3.91 6.43
N ASP A 231 21.08 4.49 6.85
CA ASP A 231 22.06 3.73 7.61
C ASP A 231 21.45 3.29 8.93
N ILE A 232 21.73 2.05 9.33
CA ILE A 232 21.16 1.47 10.53
C ILE A 232 22.27 0.78 11.30
N GLU A 233 22.37 1.06 12.60
CA GLU A 233 23.44 0.53 13.43
C GLU A 233 23.09 -0.85 13.98
N VAL A 234 24.13 -1.55 14.45
CA VAL A 234 23.90 -2.85 15.09
C VAL A 234 22.94 -2.66 16.24
N GLY A 235 21.95 -3.56 16.35
CA GLY A 235 20.99 -3.52 17.42
C GLY A 235 19.91 -2.47 17.30
N GLU A 236 20.00 -1.58 16.31
CA GLU A 236 18.99 -0.56 16.13
C GLU A 236 17.67 -1.17 15.68
N GLU A 237 16.57 -0.71 16.25
CA GLU A 237 15.28 -1.23 15.87
C GLU A 237 14.95 -0.81 14.44
N LEU A 238 14.38 -1.75 13.69
CA LEU A 238 13.92 -1.48 12.33
C LEU A 238 12.48 -0.97 12.40
N THR A 239 12.19 0.08 11.64
CA THR A 239 10.86 0.66 11.61
C THR A 239 10.46 0.90 10.15
N ILE A 240 9.15 0.88 9.93
CA ILE A 240 8.56 1.35 8.68
C ILE A 240 7.46 2.32 9.07
N CYS A 241 7.06 3.15 8.11
CA CYS A 241 5.94 4.06 8.33
C CYS A 241 4.66 3.36 7.89
N TYR A 242 3.74 3.16 8.83
CA TYR A 242 2.48 2.52 8.52
C TYR A 242 1.58 3.38 7.67
N LEU A 243 1.85 4.67 7.58
CA LEU A 243 0.89 5.65 7.10
C LEU A 243 1.38 6.40 5.87
N ASP A 244 0.39 6.93 5.13
CA ASP A 244 0.66 7.89 4.07
C ASP A 244 1.43 9.08 4.61
N MET A 245 2.42 9.54 3.83
CA MET A 245 3.26 10.63 4.30
C MET A 245 2.51 11.97 4.28
N LEU A 246 1.52 12.12 3.40
CA LEU A 246 0.79 13.39 3.31
C LEU A 246 -0.30 13.39 4.37
N MET A 247 0.15 13.52 5.61
CA MET A 247 -0.73 13.52 6.77
C MET A 247 -0.10 14.41 7.84
N THR A 248 -0.93 15.25 8.47
CA THR A 248 -0.46 16.05 9.58
C THR A 248 -0.27 15.14 10.80
N SER A 249 0.42 15.68 11.81
CA SER A 249 0.62 14.94 13.05
C SER A 249 -0.70 14.62 13.73
N GLU A 250 -1.69 15.50 13.61
CA GLU A 250 -3.00 15.24 14.21
C GLU A 250 -3.70 14.09 13.48
N GLU A 251 -3.59 14.04 12.15
CA GLU A 251 -4.18 12.95 11.39
C GLU A 251 -3.48 11.64 11.68
N ARG A 252 -2.15 11.65 11.76
CA ARG A 252 -1.43 10.43 12.11
C ARG A 252 -1.82 9.95 13.51
N ARG A 253 -2.00 10.89 14.45
CA ARG A 253 -2.41 10.53 15.80
C ARG A 253 -3.72 9.75 15.79
N LYS A 254 -4.72 10.27 15.08
CA LYS A 254 -6.03 9.60 15.07
C LYS A 254 -5.93 8.20 14.47
N GLN A 255 -5.21 8.04 13.35
CA GLN A 255 -5.20 6.72 12.74
C GLN A 255 -4.32 5.73 13.53
N LEU A 256 -3.22 6.20 14.09
CA LEU A 256 -2.41 5.31 14.92
C LEU A 256 -3.16 4.91 16.18
N ARG A 257 -4.00 5.80 16.71
CA ARG A 257 -4.88 5.44 17.83
C ARG A 257 -5.98 4.48 17.37
N ASP A 258 -6.73 4.86 16.35
CA ASP A 258 -7.92 4.11 15.98
C ASP A 258 -7.57 2.72 15.47
N GLN A 259 -6.51 2.60 14.68
CA GLN A 259 -6.21 1.35 14.02
C GLN A 259 -5.15 0.54 14.74
N TYR A 260 -4.18 1.22 15.38
CA TYR A 260 -3.03 0.53 15.94
C TYR A 260 -2.89 0.69 17.44
N CYS A 261 -3.78 1.43 18.08
CA CYS A 261 -3.82 1.52 19.53
C CYS A 261 -2.46 1.89 20.13
N PHE A 262 -1.81 2.91 19.58
CA PHE A 262 -0.65 3.46 20.27
C PHE A 262 -0.56 4.96 20.01
N GLU A 263 0.13 5.62 20.93
CA GLU A 263 0.36 7.05 20.89
C GLU A 263 1.78 7.24 20.38
N CYS A 264 1.93 7.83 19.20
CA CYS A 264 3.26 7.91 18.60
C CYS A 264 4.12 8.95 19.31
N ASP A 265 5.29 8.54 19.76
CA ASP A 265 6.22 9.42 20.45
C ASP A 265 7.39 9.85 19.57
N CYS A 266 7.34 9.58 18.27
CA CYS A 266 8.51 9.86 17.46
C CYS A 266 8.80 11.38 17.45
N PHE A 267 10.01 11.73 17.04
CA PHE A 267 10.43 13.13 17.09
C PHE A 267 9.55 14.01 16.18
N ARG A 268 9.06 13.46 15.08
CA ARG A 268 8.23 14.24 14.17
C ARG A 268 6.91 14.63 14.80
N CYS A 269 6.27 13.71 15.52
CA CYS A 269 5.00 14.03 16.17
C CYS A 269 5.20 14.98 17.33
N GLN A 270 6.33 14.89 18.04
CA GLN A 270 6.58 15.79 19.16
C GLN A 270 6.79 17.22 18.65
N THR A 271 7.36 17.37 17.46
CA THR A 271 7.67 18.70 16.92
C THR A 271 6.65 19.20 15.92
N GLN A 272 5.63 18.40 15.59
CA GLN A 272 4.67 18.80 14.55
C GLN A 272 5.38 19.03 13.22
N ASP A 273 6.46 18.27 12.99
CA ASP A 273 7.30 18.46 11.83
C ASP A 273 6.48 18.46 10.54
N LYS A 274 6.53 19.58 9.81
CA LYS A 274 5.93 19.82 8.51
C LYS A 274 4.44 20.15 8.57
N ASP A 275 3.80 20.10 9.75
CA ASP A 275 2.36 20.36 9.83
C ASP A 275 2.01 21.70 9.23
N ALA A 276 2.76 22.74 9.57
CA ALA A 276 2.38 24.10 9.18
C ALA A 276 2.42 24.25 7.67
N ASP A 277 3.50 23.77 7.04
CA ASP A 277 3.62 23.86 5.59
C ASP A 277 2.55 23.02 4.90
N MET A 278 2.20 21.89 5.49
CA MET A 278 1.20 21.00 4.89
C MET A 278 -0.16 21.67 4.82
N LEU A 279 -0.41 22.67 5.67
CA LEU A 279 -1.74 23.26 5.80
C LEU A 279 -1.76 24.73 5.38
N THR A 280 -0.81 25.12 4.53
CA THR A 280 -0.80 26.47 4.00
C THR A 280 -1.97 26.69 3.05
N GLY A 281 -2.35 27.95 2.93
CA GLY A 281 -3.55 28.32 2.21
C GLY A 281 -4.71 28.61 3.15
N ASP A 282 -5.78 29.13 2.57
CA ASP A 282 -6.98 29.45 3.33
C ASP A 282 -7.63 28.16 3.84
N GLU A 283 -7.91 28.13 5.15
CA GLU A 283 -8.42 26.90 5.75
C GLU A 283 -9.76 26.50 5.15
N GLN A 284 -10.65 27.47 4.92
CA GLN A 284 -11.96 27.10 4.38
C GLN A 284 -11.81 26.36 3.06
N VAL A 285 -10.85 26.77 2.25
CA VAL A 285 -10.66 26.12 0.96
C VAL A 285 -10.19 24.68 1.14
N TRP A 286 -9.14 24.47 1.93
CA TRP A 286 -8.64 23.09 2.00
C TRP A 286 -9.49 22.18 2.89
N LYS A 287 -10.36 22.75 3.73
CA LYS A 287 -11.42 21.93 4.33
C LYS A 287 -12.36 21.38 3.25
N GLU A 288 -12.77 22.25 2.32
CA GLU A 288 -13.64 21.81 1.22
C GLU A 288 -12.92 20.80 0.33
N VAL A 289 -11.65 21.04 0.01
CA VAL A 289 -10.90 20.09 -0.80
C VAL A 289 -10.72 18.77 -0.05
N GLN A 290 -10.42 18.84 1.25
CA GLN A 290 -10.31 17.63 2.04
C GLN A 290 -11.61 16.84 2.02
N GLU A 291 -12.73 17.54 2.10
CA GLU A 291 -14.03 16.87 1.99
C GLU A 291 -14.20 16.25 0.60
N SER A 292 -13.93 17.03 -0.45
CA SER A 292 -14.05 16.52 -1.80
C SER A 292 -13.15 15.31 -2.04
N LEU A 293 -11.98 15.28 -1.40
CA LEU A 293 -11.06 14.18 -1.59
C LEU A 293 -11.65 12.85 -1.14
N LYS A 294 -12.56 12.86 -0.19
CA LYS A 294 -13.20 11.61 0.21
C LYS A 294 -13.84 10.92 -0.99
N LYS A 295 -14.50 11.66 -1.85
CA LYS A 295 -15.15 11.05 -3.00
C LYS A 295 -14.16 10.81 -4.11
N ILE A 296 -13.21 11.73 -4.33
CA ILE A 296 -12.22 11.55 -5.38
C ILE A 296 -11.44 10.25 -5.16
N GLU A 297 -11.00 10.02 -3.92
CA GLU A 297 -10.22 8.82 -3.63
C GLU A 297 -11.08 7.57 -3.70
N GLU A 298 -12.38 7.68 -3.37
CA GLU A 298 -13.32 6.58 -3.59
C GLU A 298 -13.44 6.27 -5.07
N LEU A 299 -13.52 7.31 -5.90
CA LEU A 299 -13.59 7.10 -7.34
C LEU A 299 -12.30 6.49 -7.86
N LYS A 300 -11.16 6.99 -7.39
CA LYS A 300 -9.88 6.43 -7.81
C LYS A 300 -9.75 4.96 -7.41
N ALA A 301 -10.21 4.61 -6.21
CA ALA A 301 -10.15 3.24 -5.77
C ALA A 301 -10.92 2.31 -6.70
N HIS A 302 -11.97 2.82 -7.34
CA HIS A 302 -12.74 2.06 -8.31
C HIS A 302 -12.31 2.34 -9.74
N TRP A 303 -11.15 2.97 -9.93
CA TRP A 303 -10.57 3.19 -11.26
C TRP A 303 -11.50 4.00 -12.16
N LYS A 304 -12.31 4.88 -11.57
CA LYS A 304 -13.22 5.72 -12.34
C LYS A 304 -12.52 7.02 -12.73
N TRP A 305 -11.58 6.89 -13.68
CA TRP A 305 -10.64 7.98 -13.94
C TRP A 305 -11.33 9.22 -14.49
N GLU A 306 -12.29 9.05 -15.40
CA GLU A 306 -12.95 10.21 -15.98
C GLU A 306 -13.60 11.04 -14.88
N GLN A 307 -14.27 10.39 -13.92
CA GLN A 307 -14.91 11.13 -12.85
C GLN A 307 -13.88 11.70 -11.88
N VAL A 308 -12.79 10.96 -11.62
CA VAL A 308 -11.72 11.52 -10.79
C VAL A 308 -11.25 12.83 -11.40
N LEU A 309 -10.92 12.82 -12.69
CA LEU A 309 -10.35 14.00 -13.33
C LEU A 309 -11.31 15.16 -13.26
N ALA A 310 -12.60 14.93 -13.51
CA ALA A 310 -13.58 16.02 -13.48
C ALA A 310 -13.57 16.70 -12.11
N MET A 311 -13.65 15.91 -11.04
CA MET A 311 -13.64 16.51 -9.70
C MET A 311 -12.34 17.24 -9.45
N CYS A 312 -11.21 16.65 -9.89
CA CYS A 312 -9.92 17.27 -9.62
C CYS A 312 -9.81 18.61 -10.38
N GLN A 313 -10.23 18.62 -11.65
CA GLN A 313 -10.18 19.87 -12.44
C GLN A 313 -11.01 20.96 -11.77
N ALA A 314 -12.19 20.60 -11.25
CA ALA A 314 -13.04 21.57 -10.56
C ALA A 314 -12.31 22.22 -9.39
N ILE A 315 -11.29 21.55 -8.86
CA ILE A 315 -10.50 22.12 -7.75
C ILE A 315 -9.26 22.82 -8.26
N ILE A 316 -8.48 22.14 -9.10
CA ILE A 316 -7.21 22.69 -9.56
C ILE A 316 -7.44 23.97 -10.34
N SER A 317 -8.50 24.01 -11.14
CA SER A 317 -8.83 25.17 -11.97
C SER A 317 -10.13 25.81 -11.51
N SER A 318 -10.35 25.83 -10.20
CA SER A 318 -11.58 26.40 -9.65
C SER A 318 -11.71 27.87 -10.01
N ASN A 319 -12.96 28.34 -10.12
CA ASN A 319 -13.24 29.76 -10.20
C ASN A 319 -13.31 30.42 -8.83
N SER A 320 -12.97 29.71 -7.78
CA SER A 320 -12.93 30.24 -6.43
C SER A 320 -11.49 30.13 -5.92
N GLU A 321 -11.28 30.49 -4.66
CA GLU A 321 -9.94 30.59 -4.10
C GLU A 321 -9.20 29.26 -4.27
N ARG A 322 -7.90 29.36 -4.49
CA ARG A 322 -7.09 28.19 -4.75
C ARG A 322 -6.05 28.01 -3.65
N LEU A 323 -5.45 26.81 -3.64
CA LEU A 323 -4.50 26.39 -2.64
C LEU A 323 -3.10 26.29 -3.23
N PRO A 324 -2.07 26.49 -2.41
CA PRO A 324 -0.71 26.20 -2.88
C PRO A 324 -0.49 24.70 -3.04
N ASP A 325 0.38 24.34 -3.95
CA ASP A 325 0.62 22.94 -4.24
C ASP A 325 1.26 22.20 -3.08
N ILE A 326 1.90 22.91 -2.14
CA ILE A 326 2.46 22.23 -0.97
CA ILE A 326 2.47 22.29 -0.95
C ILE A 326 1.40 21.90 0.07
N ASN A 327 0.19 22.44 -0.05
CA ASN A 327 -0.92 22.00 0.79
C ASN A 327 -1.24 20.55 0.46
N ILE A 328 -1.23 19.69 1.48
CA ILE A 328 -1.27 18.26 1.22
C ILE A 328 -2.56 17.84 0.52
N TYR A 329 -3.66 18.55 0.76
CA TYR A 329 -4.92 18.19 0.11
C TYR A 329 -4.92 18.63 -1.35
N GLN A 330 -4.45 19.84 -1.63
CA GLN A 330 -4.16 20.23 -3.00
C GLN A 330 -3.23 19.23 -3.65
N LEU A 331 -2.17 18.81 -2.93
CA LEU A 331 -1.18 17.89 -3.50
C LEU A 331 -1.81 16.55 -3.84
N LYS A 332 -2.71 16.07 -2.99
CA LYS A 332 -3.41 14.82 -3.29
C LYS A 332 -4.26 14.99 -4.54
N VAL A 333 -4.92 16.14 -4.68
CA VAL A 333 -5.77 16.35 -5.84
C VAL A 333 -4.94 16.36 -7.11
N LEU A 334 -3.79 17.03 -7.06
CA LEU A 334 -2.90 17.05 -8.22
C LEU A 334 -2.47 15.64 -8.60
N ASP A 335 -2.10 14.82 -7.62
CA ASP A 335 -1.64 13.47 -7.90
C ASP A 335 -2.74 12.61 -8.49
N CYS A 336 -3.94 12.67 -7.90
CA CYS A 336 -5.08 11.96 -8.45
C CYS A 336 -5.33 12.36 -9.89
N ALA A 337 -5.26 13.67 -10.17
CA ALA A 337 -5.51 14.16 -11.52
C ALA A 337 -4.41 13.71 -12.48
N MET A 338 -3.16 13.68 -12.01
CA MET A 338 -2.09 13.19 -12.86
C MET A 338 -2.35 11.74 -13.22
N ASP A 339 -2.68 10.92 -12.22
CA ASP A 339 -2.90 9.50 -12.49
C ASP A 339 -4.08 9.30 -13.44
N ALA A 340 -5.16 10.08 -13.25
CA ALA A 340 -6.30 9.94 -14.15
C ALA A 340 -5.93 10.33 -15.57
N CYS A 341 -5.20 11.43 -15.73
CA CYS A 341 -4.75 11.85 -17.05
C CYS A 341 -3.87 10.77 -17.69
N ILE A 342 -2.93 10.18 -16.92
CA ILE A 342 -2.11 9.12 -17.49
C ILE A 342 -2.98 7.99 -18.02
N ASN A 343 -4.00 7.59 -17.26
CA ASN A 343 -4.81 6.45 -17.69
C ASN A 343 -5.77 6.84 -18.81
N LEU A 344 -6.11 8.11 -18.92
CA LEU A 344 -6.97 8.60 -19.99
C LEU A 344 -6.18 9.02 -21.23
N GLY A 345 -4.85 8.90 -21.19
CA GLY A 345 -4.03 9.30 -22.32
C GLY A 345 -3.91 10.78 -22.49
N LEU A 346 -4.08 11.56 -21.42
CA LEU A 346 -3.95 13.01 -21.47
C LEU A 346 -2.58 13.38 -20.90
N LEU A 347 -1.54 13.20 -21.73
CA LEU A 347 -0.18 13.23 -21.21
C LEU A 347 0.34 14.63 -20.99
N GLU A 348 -0.06 15.59 -21.83
CA GLU A 348 0.32 16.98 -21.56
C GLU A 348 -0.22 17.42 -20.21
N GLU A 349 -1.52 17.22 -19.98
CA GLU A 349 -2.13 17.60 -18.71
C GLU A 349 -1.55 16.79 -17.56
N ALA A 350 -1.35 15.50 -17.78
CA ALA A 350 -0.71 14.65 -16.76
C ALA A 350 0.62 15.24 -16.34
N LEU A 351 1.43 15.67 -17.31
CA LEU A 351 2.74 16.22 -16.99
C LEU A 351 2.62 17.55 -16.26
N PHE A 352 1.66 18.38 -16.66
CA PHE A 352 1.43 19.63 -15.95
C PHE A 352 1.19 19.39 -14.46
N TYR A 353 0.26 18.49 -14.14
CA TYR A 353 0.01 18.17 -12.74
C TYR A 353 1.21 17.46 -12.10
N GLY A 354 1.82 16.52 -12.82
CA GLY A 354 2.95 15.80 -12.24
C GLY A 354 4.11 16.71 -11.87
N THR A 355 4.48 17.62 -12.79
CA THR A 355 5.60 18.51 -12.46
CA THR A 355 5.58 18.52 -12.48
C THR A 355 5.27 19.37 -11.25
N ARG A 356 4.01 19.74 -11.09
CA ARG A 356 3.65 20.56 -9.93
C ARG A 356 3.85 19.82 -8.62
N THR A 357 3.73 18.49 -8.61
CA THR A 357 3.90 17.71 -7.41
C THR A 357 5.36 17.47 -7.06
N MET A 358 6.30 17.81 -7.94
CA MET A 358 7.69 17.39 -7.76
C MET A 358 8.28 18.03 -6.50
N GLU A 359 8.19 19.34 -6.37
CA GLU A 359 8.85 20.01 -5.25
C GLU A 359 8.14 19.67 -3.95
N PRO A 360 6.81 19.64 -3.92
CA PRO A 360 6.15 19.17 -2.69
C PRO A 360 6.52 17.77 -2.30
N TYR A 361 6.68 16.87 -3.28
CA TYR A 361 7.08 15.51 -2.97
C TYR A 361 8.50 15.47 -2.42
N ARG A 362 9.37 16.32 -2.94
CA ARG A 362 10.74 16.37 -2.41
C ARG A 362 10.72 16.71 -0.94
N ILE A 363 9.84 17.64 -0.55
CA ILE A 363 9.74 18.06 0.84
C ILE A 363 9.13 16.95 1.71
N PHE A 364 7.99 16.40 1.26
CA PHE A 364 7.18 15.55 2.12
C PHE A 364 7.56 14.08 2.07
N PHE A 365 8.46 13.69 1.16
CA PHE A 365 8.95 12.32 1.08
C PHE A 365 10.46 12.38 1.20
N PRO A 366 10.96 12.78 2.36
CA PRO A 366 12.41 12.99 2.52
C PRO A 366 13.19 11.69 2.34
N GLY A 367 14.46 11.85 2.01
CA GLY A 367 15.33 10.69 1.86
C GLY A 367 14.89 9.86 0.69
N SER A 368 14.80 8.55 0.92
CA SER A 368 14.49 7.59 -0.13
C SER A 368 13.15 6.94 0.18
N HIS A 369 12.11 7.37 -0.53
CA HIS A 369 10.77 6.85 -0.30
C HIS A 369 10.22 6.33 -1.62
N PRO A 370 9.73 5.07 -1.67
CA PRO A 370 9.30 4.51 -2.95
C PRO A 370 8.20 5.30 -3.63
N VAL A 371 7.36 5.99 -2.87
CA VAL A 371 6.30 6.78 -3.49
C VAL A 371 6.89 7.94 -4.29
N ARG A 372 7.91 8.61 -3.75
CA ARG A 372 8.52 9.69 -4.51
C ARG A 372 9.32 9.14 -5.68
N GLY A 373 10.02 8.04 -5.46
CA GLY A 373 10.70 7.39 -6.59
C GLY A 373 9.79 7.16 -7.76
N VAL A 374 8.62 6.56 -7.50
CA VAL A 374 7.69 6.25 -8.57
C VAL A 374 7.12 7.52 -9.16
N GLN A 375 6.79 8.51 -8.33
CA GLN A 375 6.25 9.76 -8.86
C GLN A 375 7.25 10.40 -9.82
N VAL A 376 8.52 10.47 -9.42
CA VAL A 376 9.54 11.06 -10.29
C VAL A 376 9.68 10.24 -11.57
N MET A 377 9.57 8.92 -11.45
CA MET A 377 9.66 8.08 -12.63
C MET A 377 8.50 8.31 -13.56
N LYS A 378 7.30 8.51 -13.00
CA LYS A 378 6.16 8.85 -13.85
C LYS A 378 6.40 10.16 -14.60
N VAL A 379 6.90 11.17 -13.90
CA VAL A 379 7.14 12.45 -14.56
C VAL A 379 8.23 12.27 -15.63
N GLY A 380 9.33 11.62 -15.27
CA GLY A 380 10.37 11.36 -16.25
C GLY A 380 9.87 10.60 -17.47
N LYS A 381 8.96 9.64 -17.26
CA LYS A 381 8.39 8.89 -18.36
C LYS A 381 7.53 9.78 -19.25
N LEU A 382 6.70 10.64 -18.65
CA LEU A 382 5.88 11.55 -19.44
C LEU A 382 6.74 12.50 -20.25
N GLN A 383 7.84 12.98 -19.66
CA GLN A 383 8.73 13.89 -20.39
C GLN A 383 9.42 13.18 -21.53
N LEU A 384 9.89 11.94 -21.30
CA LEU A 384 10.52 11.16 -22.35
C LEU A 384 9.58 10.98 -23.53
N HIS A 385 8.34 10.59 -23.26
CA HIS A 385 7.36 10.36 -24.31
CA HIS A 385 7.40 10.35 -24.36
C HIS A 385 7.05 11.64 -25.09
N GLN A 386 7.21 12.80 -24.46
CA GLN A 386 6.99 14.07 -25.13
C GLN A 386 8.28 14.69 -25.66
N GLY A 387 9.36 13.92 -25.73
CA GLY A 387 10.57 14.40 -26.35
C GLY A 387 11.38 15.39 -25.54
N MET A 388 11.13 15.47 -24.24
CA MET A 388 11.88 16.36 -23.37
C MET A 388 13.03 15.57 -22.73
N PHE A 389 14.04 15.27 -23.57
CA PHE A 389 15.03 14.28 -23.16
C PHE A 389 15.90 14.78 -22.01
N PRO A 390 16.45 15.99 -22.05
CA PRO A 390 17.29 16.42 -20.92
C PRO A 390 16.52 16.45 -19.60
N GLN A 391 15.28 16.95 -19.63
CA GLN A 391 14.45 16.94 -18.44
C GLN A 391 14.13 15.51 -18.01
N ALA A 392 13.71 14.67 -18.95
CA ALA A 392 13.37 13.29 -18.66
C ALA A 392 14.57 12.60 -18.03
N MET A 393 15.75 12.80 -18.62
CA MET A 393 16.94 12.13 -18.10
C MET A 393 17.20 12.52 -16.65
N LYS A 394 17.04 13.81 -16.33
CA LYS A 394 17.30 14.26 -14.96
C LYS A 394 16.34 13.60 -13.98
N ASN A 395 15.05 13.52 -14.32
CA ASN A 395 14.09 12.89 -13.43
C ASN A 395 14.27 11.37 -13.42
N LEU A 396 14.58 10.77 -14.56
CA LEU A 396 14.80 9.33 -14.59
C LEU A 396 16.01 8.95 -13.74
N ARG A 397 17.08 9.74 -13.83
CA ARG A 397 18.23 9.54 -12.96
C ARG A 397 17.84 9.71 -11.50
N LEU A 398 17.03 10.73 -11.18
CA LEU A 398 16.57 10.93 -9.81
C LEU A 398 15.73 9.74 -9.35
N ALA A 399 14.77 9.32 -10.17
CA ALA A 399 14.00 8.12 -9.85
C ALA A 399 14.91 6.94 -9.57
N PHE A 400 15.96 6.78 -10.36
CA PHE A 400 16.87 5.66 -10.14
C PHE A 400 17.68 5.85 -8.87
N ASP A 401 18.09 7.09 -8.57
CA ASP A 401 18.78 7.35 -7.31
C ASP A 401 17.93 6.91 -6.12
N ILE A 402 16.62 7.19 -6.17
CA ILE A 402 15.72 6.80 -5.09
C ILE A 402 15.44 5.31 -5.13
N MET A 403 15.09 4.80 -6.29
CA MET A 403 14.57 3.45 -6.38
C MET A 403 15.64 2.37 -6.32
N ARG A 404 16.91 2.69 -6.60
CA ARG A 404 17.94 1.70 -6.31
C ARG A 404 17.99 1.41 -4.82
N VAL A 405 17.48 2.33 -4.00
CA VAL A 405 17.41 2.13 -2.56
C VAL A 405 16.10 1.51 -2.14
N THR A 406 15.00 2.05 -2.64
CA THR A 406 13.67 1.66 -2.19
C THR A 406 13.10 0.44 -2.92
N HIS A 407 13.52 0.20 -4.16
CA HIS A 407 13.06 -0.94 -4.94
C HIS A 407 14.15 -1.99 -5.11
N GLY A 408 15.30 -1.61 -5.66
CA GLY A 408 16.40 -2.55 -5.80
C GLY A 408 16.26 -3.48 -6.99
N ARG A 409 17.36 -4.20 -7.28
CA ARG A 409 17.39 -5.08 -8.44
C ARG A 409 16.42 -6.23 -8.31
N GLU A 410 15.91 -6.51 -7.10
CA GLU A 410 14.92 -7.57 -6.95
C GLU A 410 13.52 -7.14 -7.40
N HIS A 411 13.32 -5.87 -7.70
CA HIS A 411 12.03 -5.35 -8.10
C HIS A 411 12.02 -5.12 -9.60
N SER A 412 10.97 -5.62 -10.27
CA SER A 412 10.94 -5.59 -11.73
C SER A 412 10.85 -4.19 -12.30
N LEU A 413 10.42 -3.21 -11.50
CA LEU A 413 10.33 -1.85 -12.03
C LEU A 413 11.70 -1.24 -12.25
N ILE A 414 12.72 -1.73 -11.53
CA ILE A 414 14.08 -1.23 -11.74
C ILE A 414 14.56 -1.58 -13.14
N GLU A 415 14.26 -2.79 -13.60
CA GLU A 415 14.61 -3.15 -14.98
C GLU A 415 13.90 -2.24 -15.97
N ASP A 416 12.61 -1.98 -15.75
CA ASP A 416 11.89 -1.03 -16.61
C ASP A 416 12.54 0.34 -16.60
N LEU A 417 12.93 0.83 -15.42
CA LEU A 417 13.52 2.15 -15.31
C LEU A 417 14.90 2.19 -15.98
N ILE A 418 15.70 1.15 -15.81
CA ILE A 418 16.98 1.11 -16.50
C ILE A 418 16.79 1.18 -18.01
N LEU A 419 15.74 0.52 -18.52
CA LEU A 419 15.47 0.57 -19.94
C LEU A 419 15.09 1.98 -20.38
N LEU A 420 14.34 2.69 -19.55
CA LEU A 420 14.00 4.08 -19.86
C LEU A 420 15.23 4.97 -19.79
N LEU A 421 16.12 4.71 -18.83
CA LEU A 421 17.38 5.46 -18.79
C LEU A 421 18.19 5.22 -20.06
N GLU A 422 18.30 3.98 -20.49
CA GLU A 422 19.10 3.68 -21.67
C GLU A 422 18.49 4.30 -22.92
N GLU A 423 17.16 4.25 -23.03
CA GLU A 423 16.50 4.88 -24.17
C GLU A 423 16.73 6.39 -24.17
N CYS A 424 16.45 7.05 -23.04
CA CYS A 424 16.60 8.49 -22.95
C CYS A 424 18.04 8.90 -23.23
N ASP A 425 19.00 8.16 -22.68
CA ASP A 425 20.41 8.48 -22.93
C ASP A 425 20.75 8.32 -24.40
N ALA A 426 20.17 7.33 -25.07
CA ALA A 426 20.46 7.16 -26.50
C ALA A 426 19.93 8.34 -27.30
N ASN A 427 18.79 8.88 -26.90
CA ASN A 427 18.28 10.07 -27.59
C ASN A 427 19.18 11.27 -27.36
N ILE A 428 19.71 11.42 -26.15
CA ILE A 428 20.59 12.54 -25.85
C ILE A 428 21.92 12.38 -26.57
N ARG A 429 22.44 11.17 -26.63
CA ARG A 429 23.65 10.94 -27.41
C ARG A 429 23.47 11.33 -28.87
N ALA A 430 22.31 11.01 -29.43
CA ALA A 430 22.08 11.12 -30.87
C ALA A 430 22.09 12.56 -31.36
N SER A 431 22.42 13.54 -30.53
CA SER A 431 22.65 14.90 -31.02
C SER A 431 24.10 15.06 -31.46
#